data_3WKZ
#
_entry.id   3WKZ
#
_cell.length_a   94.241
_cell.length_b   94.241
_cell.length_c   122.195
_cell.angle_alpha   90.00
_cell.angle_beta   90.00
_cell.angle_gamma   120.00
#
_symmetry.space_group_name_H-M   'P 65'
#
loop_
_entity.id
_entity.type
_entity.pdbx_description
1 polymer Chitinase
2 non-polymer 2-acetamido-2-deoxy-beta-D-glucopyranose
3 water water
#
_entity_poly.entity_id   1
_entity_poly.type   'polypeptide(L)'
_entity_poly.pdbx_seq_one_letter_code
;AESDSRARVVCYFSNWAVYRPGVGRYGIEDIPVDMCTHIIYSFIGVTEDTQQVLIIDPELDVDKNGFKNFTSLRSKHPGV
KFTVAVGGWAEGGSKYSKMVAAKSTRMAFVRSVVDFLNKYNFDGLDLDWQYPGAADRGGSFSDKDKFLYLVQELRRAFIR
EGKGWELTAAVPLANFRLMEGYHVPELCQELDAIHVMSYDLRGNWAGFADVHSPLYKRPHDQWAYEKLNVNDGLQLWEDK
GCPTNKLVVGIPFYGRSFTLSSGNNNYNLGTYINKEAGGGDPAPYTNATGFWAYYEICTEVDTADSKWTKKWDEHGKCPY
AYKGTQWVGYEDPRSVEIKMNWIKEKGYLGAMTWAIDMDDFQGLCGEKNILIKLLHKHMSAYTVPPPRSHHHHHH
;
_entity_poly.pdbx_strand_id   A
#
# COMPACT_ATOMS: atom_id res chain seq x y z
N ARG A 6 16.74 7.56 10.90
CA ARG A 6 15.58 7.30 11.73
C ARG A 6 14.29 7.36 10.89
N ALA A 7 14.47 7.54 9.59
CA ALA A 7 13.35 7.47 8.65
C ALA A 7 12.98 6.01 8.43
N ARG A 8 11.75 5.75 8.01
CA ARG A 8 11.33 4.37 7.73
C ARG A 8 11.30 4.10 6.22
N VAL A 9 11.66 2.87 5.85
CA VAL A 9 11.37 2.37 4.51
C VAL A 9 10.54 1.13 4.75
N VAL A 10 9.24 1.23 4.44
CA VAL A 10 8.31 0.18 4.83
C VAL A 10 7.94 -0.64 3.59
N CYS A 11 8.22 -1.94 3.63
CA CYS A 11 8.05 -2.78 2.44
C CYS A 11 6.93 -3.78 2.67
N TYR A 12 5.81 -3.66 1.96
CA TYR A 12 4.80 -4.70 2.01
C TYR A 12 5.25 -5.85 1.12
N PHE A 13 5.11 -7.07 1.63
CA PHE A 13 5.46 -8.29 0.90
C PHE A 13 4.19 -9.14 0.69
N SER A 14 3.88 -9.47 -0.57
CA SER A 14 2.65 -10.21 -0.88
C SER A 14 2.90 -11.71 -0.85
N ASN A 15 2.18 -12.47 -0.01
CA ASN A 15 2.46 -13.91 0.06
C ASN A 15 1.98 -14.70 -1.16
N TRP A 16 1.23 -14.05 -2.06
CA TRP A 16 0.71 -14.76 -3.22
C TRP A 16 1.60 -14.58 -4.45
N ALA A 17 2.66 -13.77 -4.32
CA ALA A 17 3.52 -13.49 -5.48
C ALA A 17 4.33 -14.72 -5.89
N VAL A 18 4.44 -15.67 -4.99
CA VAL A 18 5.22 -16.89 -5.26
C VAL A 18 4.52 -17.75 -6.33
N TYR A 19 3.25 -17.49 -6.59
CA TYR A 19 2.52 -18.26 -7.62
C TYR A 19 2.56 -17.63 -9.01
N ARG A 20 3.20 -16.47 -9.14
CA ARG A 20 3.35 -15.85 -10.46
C ARG A 20 4.29 -16.69 -11.32
N PRO A 21 3.96 -16.86 -12.60
CA PRO A 21 4.74 -17.76 -13.45
C PRO A 21 6.09 -17.18 -13.86
N GLY A 22 7.03 -18.04 -14.22
CA GLY A 22 8.29 -17.60 -14.79
C GLY A 22 9.08 -16.60 -13.96
N VAL A 23 9.50 -15.51 -14.59
CA VAL A 23 10.31 -14.52 -13.87
C VAL A 23 9.48 -13.69 -12.89
N GLY A 24 8.16 -13.87 -12.89
CA GLY A 24 7.30 -13.19 -11.94
C GLY A 24 7.37 -13.81 -10.54
N ARG A 25 7.79 -15.06 -10.46
CA ARG A 25 7.81 -15.76 -9.18
C ARG A 25 8.64 -14.98 -8.17
N TYR A 26 8.04 -14.68 -7.02
CA TYR A 26 8.72 -13.90 -5.99
C TYR A 26 8.37 -14.47 -4.62
N GLY A 27 9.38 -14.94 -3.89
CA GLY A 27 9.16 -15.53 -2.58
C GLY A 27 9.96 -14.81 -1.51
N ILE A 28 9.96 -15.37 -0.30
CA ILE A 28 10.68 -14.79 0.84
C ILE A 28 12.13 -14.54 0.52
N GLU A 29 12.75 -15.51 -0.16
CA GLU A 29 14.18 -15.42 -0.46
C GLU A 29 14.50 -14.26 -1.41
N ASP A 30 13.48 -13.71 -2.05
CA ASP A 30 13.70 -12.62 -3.00
C ASP A 30 13.66 -11.23 -2.35
N ILE A 31 13.20 -11.17 -1.11
CA ILE A 31 13.12 -9.89 -0.41
C ILE A 31 14.51 -9.28 -0.21
N PRO A 32 14.73 -8.06 -0.71
CA PRO A 32 16.02 -7.40 -0.45
C PRO A 32 16.02 -6.76 0.94
N VAL A 33 16.20 -7.58 1.96
CA VAL A 33 15.93 -7.15 3.34
C VAL A 33 16.67 -5.87 3.72
N ASP A 34 17.91 -5.75 3.27
CA ASP A 34 18.72 -4.59 3.65
C ASP A 34 18.24 -3.26 3.06
N MET A 35 17.28 -3.29 2.15
CA MET A 35 16.77 -2.02 1.61
C MET A 35 15.60 -1.49 2.44
N CYS A 36 15.11 -2.29 3.39
CA CYS A 36 13.91 -1.92 4.16
C CYS A 36 14.23 -1.81 5.65
N THR A 37 13.49 -0.97 6.37
CA THR A 37 13.60 -0.92 7.82
C THR A 37 12.47 -1.71 8.46
N HIS A 38 11.35 -1.82 7.76
CA HIS A 38 10.18 -2.54 8.24
C HIS A 38 9.56 -3.31 7.09
N ILE A 39 9.31 -4.59 7.30
CA ILE A 39 8.80 -5.43 6.20
C ILE A 39 7.54 -6.09 6.72
N ILE A 40 6.50 -6.11 5.90
CA ILE A 40 5.17 -6.51 6.36
C ILE A 40 4.60 -7.65 5.52
N TYR A 41 4.39 -8.80 6.15
CA TYR A 41 3.88 -9.99 5.47
C TYR A 41 2.37 -9.83 5.24
N SER A 42 1.95 -9.84 3.98
CA SER A 42 0.53 -9.63 3.66
C SER A 42 -0.07 -10.81 2.90
N PHE A 43 -1.27 -11.31 3.28
CA PHE A 43 -2.10 -10.83 4.40
C PHE A 43 -2.56 -12.05 5.23
N ILE A 44 -2.94 -11.80 6.49
CA ILE A 44 -3.82 -12.71 7.24
C ILE A 44 -5.20 -12.04 7.27
N GLY A 45 -6.22 -12.76 7.68
CA GLY A 45 -7.55 -12.17 7.73
C GLY A 45 -8.23 -12.43 9.06
N VAL A 46 -9.56 -12.32 9.07
CA VAL A 46 -10.30 -12.64 10.28
C VAL A 46 -11.38 -13.64 9.90
N THR A 47 -11.70 -14.58 10.79
CA THR A 47 -12.76 -15.54 10.48
C THR A 47 -14.11 -14.85 10.59
N GLU A 48 -15.05 -15.30 9.77
CA GLU A 48 -16.38 -14.71 9.75
C GLU A 48 -17.16 -14.93 11.05
N ASP A 49 -16.93 -16.08 11.68
CA ASP A 49 -17.83 -16.59 12.71
C ASP A 49 -17.29 -16.43 14.13
N THR A 50 -15.97 -16.55 14.28
CA THR A 50 -15.38 -16.60 15.62
C THR A 50 -14.42 -15.45 15.87
N GLN A 51 -14.28 -14.54 14.90
CA GLN A 51 -13.42 -13.37 15.04
C GLN A 51 -11.98 -13.70 15.43
N GLN A 52 -11.46 -14.78 14.87
CA GLN A 52 -10.08 -15.16 15.11
C GLN A 52 -9.23 -14.89 13.89
N VAL A 53 -7.92 -14.92 14.07
CA VAL A 53 -7.00 -14.75 12.95
C VAL A 53 -7.28 -15.84 11.91
N LEU A 54 -7.47 -15.42 10.66
CA LEU A 54 -7.64 -16.38 9.56
C LEU A 54 -6.33 -16.47 8.80
N ILE A 55 -5.75 -17.67 8.73
CA ILE A 55 -4.57 -17.88 7.90
C ILE A 55 -5.08 -18.18 6.49
N ILE A 56 -4.71 -17.33 5.53
CA ILE A 56 -5.33 -17.33 4.22
C ILE A 56 -4.76 -18.40 3.27
N ASP A 57 -3.46 -18.68 3.38
CA ASP A 57 -2.83 -19.73 2.58
C ASP A 57 -2.02 -20.65 3.51
N PRO A 58 -2.72 -21.54 4.24
CA PRO A 58 -2.03 -22.33 5.27
C PRO A 58 -0.96 -23.25 4.71
N GLU A 59 -1.16 -23.80 3.52
CA GLU A 59 -0.14 -24.65 2.91
C GLU A 59 1.17 -23.88 2.75
N LEU A 60 1.06 -22.64 2.29
CA LEU A 60 2.25 -21.81 2.12
C LEU A 60 2.68 -21.24 3.47
N ASP A 61 1.75 -20.57 4.15
CA ASP A 61 2.10 -19.77 5.35
C ASP A 61 2.58 -20.60 6.53
N VAL A 62 1.99 -21.78 6.70
CA VAL A 62 2.30 -22.63 7.86
C VAL A 62 3.05 -23.92 7.49
N ASP A 63 2.46 -24.72 6.61
CA ASP A 63 3.07 -26.01 6.23
C ASP A 63 4.44 -25.87 5.55
N LYS A 64 4.58 -24.90 4.65
CA LYS A 64 5.88 -24.63 4.04
C LYS A 64 6.63 -23.55 4.82
N ASN A 65 6.15 -23.25 6.02
CA ASN A 65 6.84 -22.31 6.90
C ASN A 65 7.04 -20.89 6.40
N GLY A 66 6.09 -20.39 5.61
CA GLY A 66 6.18 -19.04 5.09
C GLY A 66 6.37 -17.98 6.18
N PHE A 67 5.50 -17.98 7.18
CA PHE A 67 5.54 -16.97 8.25
C PHE A 67 6.91 -16.99 8.91
N LYS A 68 7.37 -18.18 9.30
CA LYS A 68 8.63 -18.28 10.03
C LYS A 68 9.88 -18.05 9.18
N ASN A 69 9.85 -18.46 7.91
CA ASN A 69 10.97 -18.13 7.03
C ASN A 69 11.14 -16.61 7.02
N PHE A 70 10.00 -15.94 6.95
CA PHE A 70 9.96 -14.49 6.89
C PHE A 70 10.52 -13.89 8.17
N THR A 71 9.95 -14.26 9.31
CA THR A 71 10.42 -13.62 10.56
C THR A 71 11.86 -14.01 10.93
N SER A 72 12.28 -15.22 10.57
CA SER A 72 13.66 -15.62 10.87
C SER A 72 14.70 -14.89 10.01
N LEU A 73 14.24 -14.06 9.06
CA LEU A 73 15.18 -13.20 8.35
C LEU A 73 15.90 -12.27 9.32
N ARG A 74 15.34 -12.07 10.51
CA ARG A 74 15.98 -11.17 11.48
C ARG A 74 17.32 -11.71 11.99
N SER A 75 17.55 -13.02 11.83
CA SER A 75 18.83 -13.60 12.22
C SER A 75 20.00 -12.93 11.52
N LYS A 76 19.87 -12.71 10.21
CA LYS A 76 20.91 -12.03 9.45
C LYS A 76 20.71 -10.52 9.42
N HIS A 77 19.48 -10.06 9.66
CA HIS A 77 19.21 -8.64 9.64
C HIS A 77 18.47 -8.21 10.90
N PRO A 78 19.19 -8.14 12.05
CA PRO A 78 18.52 -7.93 13.34
C PRO A 78 17.91 -6.53 13.53
N GLY A 79 18.33 -5.55 12.74
CA GLY A 79 17.80 -4.20 12.91
C GLY A 79 16.47 -3.95 12.21
N VAL A 80 16.03 -4.94 11.43
CA VAL A 80 14.79 -4.82 10.64
C VAL A 80 13.60 -5.38 11.43
N LYS A 81 12.45 -4.70 11.37
CA LYS A 81 11.23 -5.21 12.01
C LYS A 81 10.36 -5.97 11.03
N PHE A 82 9.89 -7.15 11.45
CA PHE A 82 9.07 -8.01 10.59
C PHE A 82 7.68 -8.16 11.18
N THR A 83 6.69 -7.55 10.55
CA THR A 83 5.32 -7.61 11.07
C THR A 83 4.39 -8.28 10.05
N VAL A 84 3.12 -8.43 10.43
CA VAL A 84 2.13 -9.06 9.56
C VAL A 84 0.98 -8.08 9.36
N ALA A 85 0.35 -8.09 8.18
CA ALA A 85 -0.80 -7.22 7.93
C ALA A 85 -2.09 -8.02 7.92
N VAL A 86 -3.12 -7.51 8.61
CA VAL A 86 -4.43 -8.16 8.58
C VAL A 86 -5.40 -7.34 7.75
N GLY A 87 -6.12 -7.99 6.83
CA GLY A 87 -7.07 -7.29 5.99
C GLY A 87 -6.69 -7.30 4.52
N GLY A 88 -6.64 -6.11 3.90
CA GLY A 88 -6.34 -6.02 2.48
C GLY A 88 -7.63 -6.02 1.67
N TRP A 89 -7.54 -5.75 0.37
CA TRP A 89 -8.76 -5.60 -0.44
C TRP A 89 -9.58 -6.89 -0.52
N ALA A 90 -8.92 -7.98 -0.84
CA ALA A 90 -9.59 -9.26 -1.11
C ALA A 90 -10.37 -9.78 0.09
N GLU A 91 -9.91 -9.44 1.30
CA GLU A 91 -10.58 -9.87 2.54
C GLU A 91 -11.96 -9.25 2.72
N GLY A 92 -12.24 -8.16 2.04
CA GLY A 92 -13.50 -7.45 2.21
C GLY A 92 -13.55 -6.67 3.51
N GLY A 93 -14.62 -5.92 3.74
CA GLY A 93 -14.73 -5.15 4.95
C GLY A 93 -15.78 -5.66 5.95
N SER A 94 -16.77 -6.41 5.46
CA SER A 94 -17.87 -6.79 6.36
C SER A 94 -17.43 -7.59 7.59
N LYS A 95 -16.47 -8.51 7.43
CA LYS A 95 -16.03 -9.32 8.59
C LYS A 95 -15.40 -8.45 9.67
N TYR A 96 -14.80 -7.34 9.26
CA TYR A 96 -14.14 -6.44 10.20
C TYR A 96 -15.16 -5.57 10.91
N SER A 97 -16.12 -5.04 10.15
CA SER A 97 -17.21 -4.26 10.75
C SER A 97 -17.94 -5.14 11.75
N LYS A 98 -18.14 -6.41 11.40
CA LYS A 98 -18.74 -7.36 12.34
C LYS A 98 -17.86 -7.64 13.57
N MET A 99 -16.56 -7.83 13.35
CA MET A 99 -15.65 -8.09 14.48
C MET A 99 -15.57 -6.94 15.48
N VAL A 100 -15.64 -5.69 15.02
CA VAL A 100 -15.50 -4.58 15.98
C VAL A 100 -16.79 -4.14 16.64
N ALA A 101 -17.91 -4.78 16.29
CA ALA A 101 -19.22 -4.28 16.71
C ALA A 101 -19.45 -4.34 18.22
N ALA A 102 -18.75 -5.26 18.88
CA ALA A 102 -18.93 -5.48 20.31
C ALA A 102 -17.60 -5.67 21.02
N LYS A 103 -17.56 -5.31 22.29
CA LYS A 103 -16.38 -5.47 23.11
C LYS A 103 -15.94 -6.93 23.14
N SER A 104 -16.91 -7.83 23.21
CA SER A 104 -16.59 -9.25 23.32
C SER A 104 -15.91 -9.79 22.05
N THR A 105 -16.41 -9.40 20.89
CA THR A 105 -15.81 -9.88 19.65
C THR A 105 -14.44 -9.24 19.41
N ARG A 106 -14.27 -7.98 19.83
CA ARG A 106 -12.96 -7.35 19.74
C ARG A 106 -11.96 -8.06 20.61
N MET A 107 -12.35 -8.41 21.83
CA MET A 107 -11.41 -9.06 22.73
C MET A 107 -11.04 -10.48 22.26
N ALA A 108 -11.98 -11.17 21.62
CA ALA A 108 -11.64 -12.46 21.03
C ALA A 108 -10.59 -12.27 19.93
N PHE A 109 -10.76 -11.25 19.10
CA PHE A 109 -9.79 -11.01 18.03
C PHE A 109 -8.44 -10.62 18.62
N VAL A 110 -8.45 -9.71 19.59
CA VAL A 110 -7.21 -9.27 20.23
C VAL A 110 -6.44 -10.47 20.81
N ARG A 111 -7.13 -11.36 21.52
CA ARG A 111 -6.45 -12.54 22.08
C ARG A 111 -5.88 -13.40 20.98
N SER A 112 -6.63 -13.56 19.90
CA SER A 112 -6.19 -14.43 18.81
C SER A 112 -4.95 -13.81 18.15
N VAL A 113 -4.96 -12.49 18.00
CA VAL A 113 -3.82 -11.77 17.42
C VAL A 113 -2.58 -12.00 18.25
N VAL A 114 -2.70 -11.81 19.56
CA VAL A 114 -1.56 -11.97 20.46
C VAL A 114 -0.97 -13.39 20.37
N ASP A 115 -1.84 -14.40 20.39
CA ASP A 115 -1.37 -15.78 20.23
C ASP A 115 -0.61 -15.93 18.91
N PHE A 116 -1.16 -15.34 17.85
CA PHE A 116 -0.59 -15.52 16.51
C PHE A 116 0.79 -14.89 16.42
N LEU A 117 0.92 -13.66 16.91
CA LEU A 117 2.20 -12.96 16.83
C LEU A 117 3.27 -13.68 17.63
N ASN A 118 2.87 -14.24 18.76
CA ASN A 118 3.80 -15.02 19.58
C ASN A 118 4.23 -16.29 18.83
N LYS A 119 3.26 -16.99 18.26
CA LYS A 119 3.53 -18.27 17.64
C LYS A 119 4.48 -18.17 16.44
N TYR A 120 4.38 -17.10 15.66
CA TYR A 120 5.20 -16.98 14.47
C TYR A 120 6.31 -15.94 14.57
N ASN A 121 6.53 -15.45 15.80
CA ASN A 121 7.63 -14.53 16.10
C ASN A 121 7.61 -13.24 15.29
N PHE A 122 6.41 -12.67 15.10
CA PHE A 122 6.29 -11.36 14.48
C PHE A 122 6.55 -10.21 15.47
N ASP A 123 6.95 -9.06 14.94
CA ASP A 123 7.28 -7.86 15.74
C ASP A 123 6.07 -6.94 15.95
N GLY A 124 4.89 -7.38 15.53
CA GLY A 124 3.72 -6.51 15.60
C GLY A 124 2.75 -6.68 14.44
N LEU A 125 1.80 -5.78 14.32
CA LEU A 125 0.65 -5.98 13.45
C LEU A 125 0.38 -4.71 12.68
N ASP A 126 0.06 -4.86 11.40
CA ASP A 126 -0.37 -3.73 10.58
C ASP A 126 -1.85 -3.92 10.25
N LEU A 127 -2.67 -2.90 10.52
CA LEU A 127 -4.11 -2.98 10.31
C LEU A 127 -4.46 -2.48 8.93
N ASP A 128 -5.05 -3.35 8.10
CA ASP A 128 -5.35 -2.98 6.72
C ASP A 128 -6.81 -3.21 6.38
N TRP A 129 -7.70 -2.82 7.26
CA TRP A 129 -9.12 -2.96 7.02
C TRP A 129 -9.52 -1.92 5.99
N GLN A 130 -10.06 -2.35 4.88
CA GLN A 130 -10.54 -1.45 3.84
C GLN A 130 -12.06 -1.55 3.67
N TYR A 131 -12.83 -0.61 4.23
CA TYR A 131 -12.40 0.45 5.16
C TYR A 131 -13.50 0.59 6.21
N PRO A 132 -13.13 0.97 7.44
CA PRO A 132 -14.17 1.25 8.43
C PRO A 132 -15.12 2.33 7.92
N GLY A 133 -16.41 2.11 8.07
CA GLY A 133 -17.43 3.08 7.70
C GLY A 133 -17.81 3.10 6.24
N ALA A 134 -17.15 2.27 5.42
CA ALA A 134 -17.43 2.26 3.99
C ALA A 134 -18.65 1.39 3.64
N ALA A 135 -19.74 2.02 3.22
CA ALA A 135 -20.98 1.30 2.92
C ALA A 135 -20.81 0.25 1.82
N ASP A 136 -19.98 0.54 0.82
CA ASP A 136 -19.74 -0.41 -0.26
C ASP A 136 -18.85 -1.57 0.17
N ARG A 137 -18.35 -1.52 1.40
CA ARG A 137 -17.45 -2.56 1.91
C ARG A 137 -18.01 -3.19 3.18
N GLY A 138 -19.33 -3.12 3.33
CA GLY A 138 -20.01 -3.76 4.46
C GLY A 138 -19.85 -2.99 5.76
N GLY A 139 -19.45 -1.72 5.67
CA GLY A 139 -19.25 -0.94 6.87
C GLY A 139 -20.49 -0.15 7.23
N SER A 140 -20.46 0.49 8.39
CA SER A 140 -21.56 1.36 8.81
C SER A 140 -21.01 2.46 9.70
N PHE A 141 -21.91 3.35 10.12
CA PHE A 141 -21.50 4.60 10.77
C PHE A 141 -20.68 4.34 12.03
N SER A 142 -21.09 3.34 12.80
CA SER A 142 -20.46 3.10 14.10
C SER A 142 -19.04 2.53 14.00
N ASP A 143 -18.60 2.16 12.80
CA ASP A 143 -17.22 1.66 12.64
C ASP A 143 -16.17 2.66 13.14
N LYS A 144 -16.47 3.96 13.00
CA LYS A 144 -15.44 4.96 13.28
C LYS A 144 -15.01 4.91 14.75
N ASP A 145 -15.98 4.93 15.66
CA ASP A 145 -15.70 4.80 17.07
C ASP A 145 -15.11 3.43 17.37
N LYS A 146 -15.71 2.39 16.81
CA LYS A 146 -15.35 1.04 17.20
C LYS A 146 -14.00 0.60 16.62
N PHE A 147 -13.60 1.16 15.48
CA PHE A 147 -12.23 0.93 14.99
C PHE A 147 -11.22 1.55 15.96
N LEU A 148 -11.51 2.76 16.42
CA LEU A 148 -10.63 3.37 17.41
C LEU A 148 -10.55 2.49 18.65
N TYR A 149 -11.68 1.97 19.12
CA TYR A 149 -11.65 1.09 20.30
C TYR A 149 -10.77 -0.13 20.06
N LEU A 150 -10.87 -0.73 18.89
CA LEU A 150 -10.05 -1.90 18.57
C LEU A 150 -8.57 -1.54 18.68
N VAL A 151 -8.22 -0.37 18.15
CA VAL A 151 -6.82 0.07 18.13
C VAL A 151 -6.32 0.31 19.56
N GLN A 152 -7.13 1.01 20.37
CA GLN A 152 -6.77 1.23 21.76
C GLN A 152 -6.59 -0.11 22.48
N GLU A 153 -7.52 -1.03 22.25
CA GLU A 153 -7.47 -2.33 22.93
C GLU A 153 -6.27 -3.17 22.47
N LEU A 154 -5.93 -3.11 21.19
CA LEU A 154 -4.74 -3.80 20.70
C LEU A 154 -3.48 -3.23 21.33
N ARG A 155 -3.37 -1.91 21.37
CA ARG A 155 -2.19 -1.27 21.95
C ARG A 155 -2.01 -1.69 23.41
N ARG A 156 -3.12 -1.68 24.16
CA ARG A 156 -3.05 -2.10 25.55
C ARG A 156 -2.62 -3.55 25.68
N ALA A 157 -3.13 -4.42 24.81
CA ALA A 157 -2.71 -5.82 24.84
C ALA A 157 -1.25 -5.97 24.48
N PHE A 158 -0.78 -5.18 23.53
CA PHE A 158 0.63 -5.27 23.14
C PHE A 158 1.53 -4.82 24.28
N ILE A 159 1.10 -3.77 24.99
CA ILE A 159 1.82 -3.31 26.18
C ILE A 159 1.90 -4.42 27.24
N ARG A 160 0.79 -5.09 27.51
CA ARG A 160 0.77 -6.17 28.50
C ARG A 160 1.64 -7.35 28.14
N GLU A 161 1.87 -7.58 26.85
CA GLU A 161 2.72 -8.70 26.48
C GLU A 161 4.18 -8.35 26.76
N GLY A 162 4.49 -7.06 26.76
CA GLY A 162 5.80 -6.58 27.16
C GLY A 162 6.95 -6.84 26.20
N LYS A 163 6.64 -7.09 24.93
CA LYS A 163 7.71 -7.36 23.95
C LYS A 163 8.00 -6.17 23.04
N GLY A 164 7.31 -5.05 23.28
CA GLY A 164 7.56 -3.84 22.50
C GLY A 164 7.04 -3.91 21.07
N TRP A 165 6.02 -4.74 20.85
CA TRP A 165 5.42 -4.88 19.53
C TRP A 165 4.92 -3.56 18.96
N GLU A 166 5.07 -3.38 17.65
CA GLU A 166 4.49 -2.20 17.01
C GLU A 166 3.07 -2.46 16.52
N LEU A 167 2.30 -1.39 16.39
CA LEU A 167 0.95 -1.45 15.83
C LEU A 167 0.89 -0.30 14.85
N THR A 168 0.62 -0.62 13.59
CA THR A 168 0.55 0.38 12.53
C THR A 168 -0.76 0.19 11.75
N ALA A 169 -1.07 1.12 10.85
CA ALA A 169 -2.27 0.99 10.02
C ALA A 169 -2.02 1.56 8.63
N ALA A 170 -2.59 0.90 7.62
CA ALA A 170 -2.61 1.43 6.26
C ALA A 170 -3.91 2.23 6.14
N VAL A 171 -3.84 3.44 5.60
CA VAL A 171 -4.99 4.34 5.63
C VAL A 171 -5.18 5.02 4.28
N PRO A 172 -6.43 5.38 3.95
CA PRO A 172 -6.71 6.09 2.69
C PRO A 172 -6.45 7.58 2.83
N LEU A 173 -6.46 8.34 1.75
CA LEU A 173 -6.28 9.78 1.93
C LEU A 173 -7.45 10.65 1.49
N ALA A 174 -8.51 10.03 0.96
CA ALA A 174 -9.68 10.81 0.54
C ALA A 174 -10.45 11.28 1.77
N ASN A 175 -10.85 12.54 1.77
CA ASN A 175 -11.53 13.13 2.92
C ASN A 175 -12.76 12.35 3.36
N PHE A 176 -13.57 11.91 2.40
CA PHE A 176 -14.81 11.24 2.78
C PHE A 176 -14.53 9.93 3.51
N ARG A 177 -13.44 9.25 3.14
CA ARG A 177 -13.06 8.02 3.82
C ARG A 177 -12.56 8.32 5.24
N LEU A 178 -11.81 9.41 5.38
CA LEU A 178 -11.36 9.84 6.70
C LEU A 178 -12.53 10.17 7.59
N MET A 179 -13.48 10.95 7.05
CA MET A 179 -14.66 11.30 7.83
C MET A 179 -15.45 10.06 8.24
N GLU A 180 -15.53 9.07 7.33
CA GLU A 180 -16.33 7.86 7.65
C GLU A 180 -15.66 6.90 8.62
N GLY A 181 -14.32 6.81 8.59
CA GLY A 181 -13.68 5.73 9.33
C GLY A 181 -12.56 6.06 10.32
N TYR A 182 -12.04 7.28 10.32
CA TYR A 182 -10.78 7.52 11.03
C TYR A 182 -10.79 8.71 11.99
N HIS A 183 -10.83 8.43 13.30
CA HIS A 183 -10.59 9.44 14.33
C HIS A 183 -9.10 9.75 14.33
N VAL A 184 -8.69 10.73 13.52
CA VAL A 184 -7.27 10.91 13.22
C VAL A 184 -6.36 11.16 14.44
N PRO A 185 -6.66 12.17 15.30
CA PRO A 185 -5.73 12.46 16.39
C PRO A 185 -5.59 11.27 17.34
N GLU A 186 -6.71 10.61 17.63
CA GLU A 186 -6.69 9.51 18.56
C GLU A 186 -6.00 8.27 17.99
N LEU A 187 -6.24 7.97 16.71
CA LEU A 187 -5.52 6.87 16.06
C LEU A 187 -4.01 7.11 15.99
N CYS A 188 -3.61 8.29 15.54
CA CYS A 188 -2.19 8.59 15.36
C CYS A 188 -1.41 8.52 16.68
N GLN A 189 -2.11 8.77 17.79
CA GLN A 189 -1.48 8.67 19.11
C GLN A 189 -1.21 7.23 19.50
N GLU A 190 -2.08 6.31 19.09
CA GLU A 190 -1.93 4.91 19.48
C GLU A 190 -1.01 4.12 18.55
N LEU A 191 -0.86 4.60 17.31
CA LEU A 191 -0.11 3.87 16.29
C LEU A 191 1.35 4.32 16.19
N ASP A 192 2.25 3.40 15.90
CA ASP A 192 3.66 3.71 15.66
C ASP A 192 3.91 4.38 14.33
N ALA A 193 3.06 4.11 13.35
CA ALA A 193 3.22 4.70 12.03
C ALA A 193 1.91 4.59 11.30
N ILE A 194 1.66 5.57 10.44
CA ILE A 194 0.48 5.61 9.60
C ILE A 194 0.98 5.42 8.18
N HIS A 195 0.65 4.29 7.56
CA HIS A 195 1.11 4.02 6.21
C HIS A 195 0.06 4.54 5.25
N VAL A 196 0.32 5.69 4.64
CA VAL A 196 -0.69 6.33 3.80
C VAL A 196 -0.71 5.70 2.41
N MET A 197 -1.89 5.23 2.01
CA MET A 197 -2.05 4.64 0.68
C MET A 197 -2.25 5.72 -0.36
N SER A 198 -1.17 6.41 -0.67
CA SER A 198 -1.23 7.51 -1.61
C SER A 198 -1.05 6.94 -3.01
N TYR A 199 -1.98 6.09 -3.40
CA TYR A 199 -1.98 5.46 -4.72
C TYR A 199 -3.38 4.92 -4.92
N ASP A 200 -3.68 4.37 -6.10
CA ASP A 200 -5.07 4.06 -6.46
C ASP A 200 -5.95 5.29 -6.28
N LEU A 201 -5.42 6.48 -6.53
CA LEU A 201 -6.23 7.69 -6.38
C LEU A 201 -7.10 7.93 -7.61
N ARG A 202 -6.75 7.25 -8.71
CA ARG A 202 -7.52 7.27 -9.95
C ARG A 202 -7.49 5.85 -10.48
N GLY A 203 -8.39 5.53 -11.41
CA GLY A 203 -8.42 4.17 -11.91
C GLY A 203 -9.69 3.93 -12.68
N ASN A 204 -9.87 2.70 -13.17
CA ASN A 204 -10.98 2.43 -14.07
C ASN A 204 -12.34 2.82 -13.48
N TRP A 205 -12.49 2.62 -12.18
CA TRP A 205 -13.72 2.96 -11.46
C TRP A 205 -14.09 4.44 -11.59
N ALA A 206 -13.11 5.28 -11.93
CA ALA A 206 -13.36 6.71 -12.00
C ALA A 206 -13.98 7.12 -13.33
N GLY A 207 -13.84 6.27 -14.34
CA GLY A 207 -14.43 6.56 -15.64
C GLY A 207 -13.60 7.41 -16.59
N PHE A 208 -12.34 7.67 -16.25
CA PHE A 208 -11.44 8.37 -17.17
C PHE A 208 -10.00 7.92 -16.94
N ALA A 209 -9.13 8.13 -17.92
CA ALA A 209 -7.72 7.73 -17.79
C ALA A 209 -6.94 8.80 -17.05
N ASP A 210 -6.09 8.38 -16.11
CA ASP A 210 -5.32 9.33 -15.32
C ASP A 210 -4.24 8.53 -14.57
N VAL A 211 -3.17 9.21 -14.17
CA VAL A 211 -2.14 8.58 -13.34
C VAL A 211 -2.76 8.39 -11.95
N HIS A 212 -2.29 7.40 -11.19
CA HIS A 212 -2.99 7.03 -9.96
C HIS A 212 -2.28 7.49 -8.68
N SER A 213 -1.14 8.14 -8.82
CA SER A 213 -0.46 8.71 -7.66
C SER A 213 0.06 10.10 -7.96
N PRO A 214 -0.81 11.01 -8.46
CA PRO A 214 -0.29 12.35 -8.79
C PRO A 214 0.18 13.05 -7.54
N LEU A 215 1.32 13.73 -7.59
CA LEU A 215 1.82 14.44 -6.41
C LEU A 215 1.05 15.73 -6.15
N TYR A 216 0.74 16.47 -7.21
CA TYR A 216 0.08 17.76 -7.07
C TYR A 216 -1.19 17.80 -7.91
N LYS A 217 -2.08 18.74 -7.58
CA LYS A 217 -3.31 18.95 -8.35
C LYS A 217 -3.07 19.26 -9.83
N ARG A 218 -3.91 18.72 -10.71
CA ARG A 218 -3.88 19.09 -12.12
C ARG A 218 -5.10 19.96 -12.44
N PRO A 219 -5.06 20.73 -13.55
CA PRO A 219 -6.22 21.56 -13.88
C PRO A 219 -7.54 20.79 -14.01
N HIS A 220 -7.51 19.54 -14.49
CA HIS A 220 -8.74 18.79 -14.67
C HIS A 220 -9.30 18.16 -13.38
N ASP A 221 -8.58 18.32 -12.27
CA ASP A 221 -9.03 17.78 -10.99
C ASP A 221 -10.13 18.65 -10.42
N GLN A 222 -11.36 18.10 -10.29
CA GLN A 222 -12.51 18.88 -9.81
C GLN A 222 -13.53 18.07 -8.99
N TRP A 223 -14.18 18.74 -7.96
CA TRP A 223 -15.05 18.12 -7.02
C TRP A 223 -14.15 17.01 -6.44
N ALA A 224 -14.69 15.84 -6.12
CA ALA A 224 -14.10 14.88 -5.20
C ALA A 224 -12.65 14.57 -5.53
N TYR A 225 -12.16 15.13 -6.63
CA TYR A 225 -10.78 14.90 -7.06
C TYR A 225 -9.85 16.08 -6.82
N GLU A 226 -10.42 17.22 -6.44
CA GLU A 226 -9.66 18.46 -6.36
C GLU A 226 -8.43 18.32 -5.46
N LYS A 227 -8.61 17.70 -4.30
CA LYS A 227 -7.55 17.51 -3.32
C LYS A 227 -7.07 16.08 -3.25
N LEU A 228 -7.51 15.24 -4.18
CA LEU A 228 -7.14 13.83 -4.17
C LEU A 228 -5.81 13.64 -4.89
N ASN A 229 -4.73 14.10 -4.25
CA ASN A 229 -3.39 13.94 -4.76
C ASN A 229 -2.49 13.76 -3.54
N VAL A 230 -1.27 13.32 -3.75
CA VAL A 230 -0.44 12.95 -2.62
C VAL A 230 -0.14 14.15 -1.70
N ASN A 231 0.26 15.27 -2.29
CA ASN A 231 0.59 16.45 -1.48
C ASN A 231 -0.59 16.91 -0.63
N ASP A 232 -1.75 17.14 -1.24
CA ASP A 232 -2.92 17.65 -0.51
C ASP A 232 -3.47 16.61 0.45
N GLY A 233 -3.32 15.34 0.09
CA GLY A 233 -3.79 14.26 0.95
C GLY A 233 -2.95 14.13 2.21
N LEU A 234 -1.63 14.25 2.09
CA LEU A 234 -0.81 14.20 3.30
C LEU A 234 -1.08 15.46 4.13
N GLN A 235 -1.33 16.58 3.46
CA GLN A 235 -1.64 17.82 4.18
C GLN A 235 -2.95 17.64 4.97
N LEU A 236 -3.91 16.94 4.36
CA LEU A 236 -5.16 16.63 5.04
C LEU A 236 -4.95 15.82 6.31
N TRP A 237 -4.11 14.79 6.25
CA TRP A 237 -3.79 14.05 7.48
C TRP A 237 -3.18 14.94 8.57
N GLU A 238 -2.25 15.82 8.19
CA GLU A 238 -1.72 16.82 9.12
C GLU A 238 -2.83 17.71 9.71
N ASP A 239 -3.66 18.27 8.84
CA ASP A 239 -4.72 19.17 9.26
C ASP A 239 -5.69 18.50 10.22
N LYS A 240 -5.90 17.20 10.07
CA LYS A 240 -6.85 16.48 10.92
C LYS A 240 -6.20 16.05 12.23
N GLY A 241 -4.90 16.31 12.37
CA GLY A 241 -4.26 16.14 13.66
C GLY A 241 -3.15 15.10 13.77
N CYS A 242 -2.72 14.53 12.64
CA CYS A 242 -1.63 13.54 12.71
C CYS A 242 -0.29 14.25 12.66
N PRO A 243 0.63 13.91 13.58
CA PRO A 243 1.97 14.52 13.57
C PRO A 243 2.77 14.11 12.32
N THR A 244 3.56 15.04 11.78
CA THR A 244 4.37 14.75 10.61
C THR A 244 5.26 13.52 10.78
N ASN A 245 5.78 13.31 11.98
CA ASN A 245 6.71 12.21 12.21
C ASN A 245 6.01 10.87 12.48
N LYS A 246 4.72 10.79 12.20
CA LYS A 246 4.00 9.52 12.23
C LYS A 246 3.55 9.08 10.81
N LEU A 247 3.68 9.96 9.83
CA LEU A 247 3.15 9.73 8.47
C LEU A 247 4.18 9.16 7.52
N VAL A 248 3.88 7.99 6.96
CA VAL A 248 4.77 7.32 6.02
C VAL A 248 4.08 7.32 4.66
N VAL A 249 4.76 7.74 3.61
CA VAL A 249 4.09 8.01 2.34
C VAL A 249 4.19 6.80 1.42
N GLY A 250 3.06 6.23 1.02
CA GLY A 250 3.09 5.11 0.09
C GLY A 250 3.50 5.46 -1.34
N ILE A 251 4.25 4.55 -1.95
CA ILE A 251 4.71 4.70 -3.33
C ILE A 251 4.26 3.43 -4.05
N PRO A 252 3.48 3.55 -5.13
CA PRO A 252 3.11 2.30 -5.81
C PRO A 252 4.21 1.79 -6.75
N PHE A 253 4.54 0.51 -6.64
CA PHE A 253 5.43 -0.15 -7.62
C PHE A 253 4.56 -0.86 -8.67
N TYR A 254 3.48 -0.22 -9.07
CA TYR A 254 2.60 -0.79 -10.07
C TYR A 254 1.84 0.33 -10.74
N GLY A 255 1.21 0.03 -11.87
CA GLY A 255 0.47 1.03 -12.60
C GLY A 255 -1.01 0.66 -12.69
N ARG A 256 -1.86 1.66 -12.85
CA ARG A 256 -3.29 1.41 -13.12
C ARG A 256 -3.51 1.64 -14.59
N SER A 257 -4.13 0.67 -15.25
CA SER A 257 -4.27 0.73 -16.70
C SER A 257 -5.72 0.83 -17.14
N PHE A 258 -5.91 1.26 -18.38
CA PHE A 258 -7.25 1.50 -18.92
C PHE A 258 -7.33 0.99 -20.34
N THR A 259 -8.52 0.59 -20.75
CA THR A 259 -8.80 0.40 -22.18
C THR A 259 -9.57 1.63 -22.64
N LEU A 260 -9.04 2.32 -23.64
CA LEU A 260 -9.64 3.56 -24.09
C LEU A 260 -10.85 3.23 -24.94
N SER A 261 -11.78 4.19 -25.02
CA SER A 261 -13.01 4.00 -25.77
C SER A 261 -12.71 3.85 -27.26
N SER A 262 -13.55 3.08 -27.94
CA SER A 262 -13.40 2.83 -29.37
C SER A 262 -13.21 4.11 -30.18
N GLY A 263 -12.19 4.12 -31.04
CA GLY A 263 -11.93 5.25 -31.91
C GLY A 263 -11.45 6.51 -31.20
N ASN A 264 -11.05 6.37 -29.94
CA ASN A 264 -10.52 7.52 -29.20
C ASN A 264 -9.02 7.69 -29.46
N ASN A 265 -8.66 8.85 -30.00
CA ASN A 265 -7.28 9.12 -30.37
C ASN A 265 -6.70 10.20 -29.47
N ASN A 266 -7.45 10.55 -28.43
CA ASN A 266 -6.97 11.51 -27.45
C ASN A 266 -6.39 10.74 -26.26
N TYR A 267 -5.08 10.88 -26.06
CA TYR A 267 -4.39 10.13 -25.01
C TYR A 267 -4.03 10.98 -23.79
N ASN A 268 -4.57 12.20 -23.73
CA ASN A 268 -4.27 13.10 -22.62
C ASN A 268 -4.89 12.61 -21.32
N LEU A 269 -4.35 13.12 -20.21
CA LEU A 269 -4.95 12.89 -18.91
C LEU A 269 -6.42 13.29 -18.95
N GLY A 270 -7.28 12.45 -18.42
CA GLY A 270 -8.70 12.76 -18.34
C GLY A 270 -9.51 12.23 -19.50
N THR A 271 -8.85 11.62 -20.47
CA THR A 271 -9.55 11.11 -21.65
C THR A 271 -10.54 9.99 -21.31
N TYR A 272 -11.62 9.91 -22.08
CA TYR A 272 -12.68 8.93 -21.83
C TYR A 272 -12.20 7.51 -22.07
N ILE A 273 -12.77 6.55 -21.34
CA ILE A 273 -12.34 5.18 -21.44
C ILE A 273 -13.52 4.26 -21.68
N ASN A 274 -13.22 3.02 -22.04
CA ASN A 274 -14.21 1.96 -22.12
C ASN A 274 -14.33 1.36 -20.74
N LYS A 275 -15.22 1.90 -19.92
CA LYS A 275 -15.29 1.49 -18.52
C LYS A 275 -15.70 0.03 -18.36
N GLU A 276 -16.46 -0.48 -19.34
CA GLU A 276 -16.99 -1.84 -19.23
C GLU A 276 -15.88 -2.88 -19.41
N ALA A 277 -14.80 -2.49 -20.10
CA ALA A 277 -13.62 -3.34 -20.20
C ALA A 277 -13.02 -3.66 -18.81
N GLY A 278 -13.25 -2.77 -17.85
CA GLY A 278 -12.79 -3.00 -16.49
C GLY A 278 -11.35 -2.58 -16.24
N GLY A 279 -10.72 -1.98 -17.26
CA GLY A 279 -9.32 -1.60 -17.15
C GLY A 279 -8.54 -2.07 -18.36
N GLY A 280 -7.22 -1.90 -18.34
CA GLY A 280 -6.37 -2.39 -19.41
C GLY A 280 -6.31 -3.91 -19.40
N ASP A 281 -5.92 -4.51 -20.51
CA ASP A 281 -5.79 -5.95 -20.62
C ASP A 281 -4.77 -6.46 -19.60
N PRO A 282 -4.98 -7.67 -19.06
CA PRO A 282 -4.10 -8.22 -18.02
C PRO A 282 -2.70 -8.45 -18.57
N ALA A 283 -1.70 -8.28 -17.71
CA ALA A 283 -0.31 -8.49 -18.09
C ALA A 283 0.07 -9.94 -17.74
N PRO A 284 1.19 -10.45 -18.29
CA PRO A 284 1.46 -11.89 -18.22
C PRO A 284 1.76 -12.46 -16.84
N TYR A 285 2.24 -11.63 -15.91
CA TYR A 285 2.67 -12.16 -14.61
C TYR A 285 1.68 -11.90 -13.48
N THR A 286 1.11 -10.71 -13.45
CA THR A 286 0.10 -10.41 -12.43
C THR A 286 -1.31 -10.82 -12.87
N ASN A 287 -1.51 -10.95 -14.18
CA ASN A 287 -2.78 -11.45 -14.72
C ASN A 287 -4.00 -10.79 -14.11
N ALA A 288 -4.02 -9.45 -14.11
CA ALA A 288 -5.15 -8.74 -13.48
C ALA A 288 -5.53 -7.54 -14.31
N THR A 289 -6.80 -7.49 -14.71
CA THR A 289 -7.30 -6.39 -15.50
C THR A 289 -7.07 -5.10 -14.74
N GLY A 290 -6.55 -4.07 -15.40
CA GLY A 290 -6.46 -2.75 -14.80
C GLY A 290 -5.21 -2.55 -13.94
N PHE A 291 -4.35 -3.56 -13.89
CA PHE A 291 -3.22 -3.57 -12.97
C PHE A 291 -1.97 -4.11 -13.68
N TRP A 292 -0.83 -3.43 -13.53
CA TRP A 292 0.44 -3.89 -14.09
C TRP A 292 1.52 -3.70 -13.04
N ALA A 293 2.32 -4.73 -12.78
CA ALA A 293 3.47 -4.55 -11.87
C ALA A 293 4.47 -3.65 -12.55
N TYR A 294 5.31 -2.95 -11.78
CA TYR A 294 6.33 -2.11 -12.42
C TYR A 294 7.17 -2.86 -13.44
N TYR A 295 7.55 -4.09 -13.14
CA TYR A 295 8.42 -4.79 -14.08
C TYR A 295 7.69 -5.21 -15.37
N GLU A 296 6.37 -5.30 -15.30
CA GLU A 296 5.59 -5.59 -16.50
C GLU A 296 5.51 -4.35 -17.37
N ILE A 297 5.62 -3.18 -16.75
CA ILE A 297 5.55 -1.92 -17.48
C ILE A 297 6.90 -1.64 -18.15
N CYS A 298 7.99 -1.69 -17.39
CA CYS A 298 9.27 -1.29 -17.95
C CYS A 298 9.73 -2.24 -19.06
N THR A 299 9.36 -3.52 -18.95
CA THR A 299 9.74 -4.46 -19.99
C THR A 299 8.99 -4.19 -21.30
N GLU A 300 7.85 -3.51 -21.22
CA GLU A 300 7.10 -3.17 -22.42
C GLU A 300 7.44 -1.79 -22.93
N VAL A 301 7.55 -0.84 -22.01
CA VAL A 301 7.68 0.57 -22.37
C VAL A 301 9.13 0.99 -22.64
N ASP A 302 10.08 0.40 -21.92
CA ASP A 302 11.46 0.90 -21.97
C ASP A 302 12.39 0.20 -22.95
N THR A 303 11.92 -0.86 -23.62
CA THR A 303 12.78 -1.57 -24.59
C THR A 303 13.15 -0.66 -25.75
N ALA A 304 14.29 -0.94 -26.40
CA ALA A 304 14.75 -0.08 -27.48
C ALA A 304 13.75 0.04 -28.62
N ASP A 305 13.00 -1.04 -28.89
CA ASP A 305 12.11 -1.05 -30.04
C ASP A 305 10.63 -0.94 -29.65
N SER A 306 10.39 -0.46 -28.43
CA SER A 306 9.04 -0.35 -27.91
C SER A 306 8.15 0.51 -28.82
N LYS A 307 6.93 0.08 -29.04
CA LYS A 307 5.96 0.88 -29.79
C LYS A 307 5.10 1.72 -28.85
N TRP A 308 5.39 1.66 -27.55
CA TRP A 308 4.67 2.47 -26.57
C TRP A 308 5.16 3.89 -26.63
N THR A 309 4.24 4.84 -26.41
CA THR A 309 4.59 6.25 -26.27
C THR A 309 4.56 6.63 -24.80
N LYS A 310 5.65 7.16 -24.28
CA LYS A 310 5.72 7.55 -22.87
C LYS A 310 5.61 9.06 -22.71
N LYS A 311 4.75 9.49 -21.79
CA LYS A 311 4.58 10.91 -21.53
C LYS A 311 4.81 11.20 -20.08
N TRP A 312 4.69 12.47 -19.72
CA TRP A 312 4.95 12.89 -18.36
C TRP A 312 3.86 13.87 -17.93
N ASP A 313 3.25 13.59 -16.79
CA ASP A 313 2.28 14.50 -16.19
C ASP A 313 3.06 15.61 -15.52
N GLU A 314 3.12 16.79 -16.14
CA GLU A 314 3.94 17.89 -15.61
C GLU A 314 3.50 18.41 -14.26
N HIS A 315 2.22 18.23 -13.91
CA HIS A 315 1.75 18.70 -12.60
C HIS A 315 1.79 17.61 -11.55
N GLY A 316 1.33 16.41 -11.92
CA GLY A 316 1.30 15.29 -10.99
C GLY A 316 2.66 14.64 -10.81
N LYS A 317 3.56 14.91 -11.76
CA LYS A 317 4.92 14.36 -11.72
C LYS A 317 4.92 12.84 -11.75
N CYS A 318 4.18 12.27 -12.70
CA CYS A 318 4.13 10.83 -12.89
C CYS A 318 4.20 10.56 -14.37
N PRO A 319 4.79 9.42 -14.75
CA PRO A 319 4.76 8.97 -16.14
C PRO A 319 3.46 8.28 -16.49
N TYR A 320 3.12 8.33 -17.76
CA TYR A 320 2.10 7.46 -18.31
C TYR A 320 2.53 7.02 -19.69
N ALA A 321 1.98 5.91 -20.18
CA ALA A 321 2.39 5.40 -21.48
C ALA A 321 1.18 4.80 -22.12
N TYR A 322 1.16 4.79 -23.44
CA TYR A 322 0.02 4.21 -24.13
C TYR A 322 0.43 3.57 -25.45
N LYS A 323 -0.39 2.63 -25.90
CA LYS A 323 -0.24 2.04 -27.22
C LYS A 323 -1.57 1.44 -27.62
N GLY A 324 -2.04 1.79 -28.81
CA GLY A 324 -3.34 1.31 -29.27
C GLY A 324 -4.45 1.78 -28.36
N THR A 325 -5.23 0.83 -27.84
CA THR A 325 -6.30 1.17 -26.91
C THR A 325 -5.84 1.11 -25.45
N GLN A 326 -4.56 0.86 -25.23
CA GLN A 326 -4.06 0.63 -23.87
C GLN A 326 -3.32 1.85 -23.30
N TRP A 327 -3.58 2.15 -22.02
CA TRP A 327 -3.07 3.37 -21.38
C TRP A 327 -2.74 3.00 -19.93
N VAL A 328 -1.53 3.31 -19.47
CA VAL A 328 -1.16 2.99 -18.09
C VAL A 328 -0.45 4.17 -17.43
N GLY A 329 -0.85 4.48 -16.21
CA GLY A 329 -0.16 5.47 -15.39
C GLY A 329 0.56 4.78 -14.24
N TYR A 330 1.74 5.26 -13.88
CA TYR A 330 2.57 4.52 -12.91
C TYR A 330 3.61 5.41 -12.24
N GLU A 331 4.64 4.80 -11.67
CA GLU A 331 5.75 5.53 -11.05
C GLU A 331 7.01 4.97 -11.67
N ASP A 332 7.95 5.85 -11.99
CA ASP A 332 9.23 5.42 -12.56
C ASP A 332 10.34 6.06 -11.72
N PRO A 333 11.63 5.77 -12.03
CA PRO A 333 12.65 6.36 -11.15
C PRO A 333 12.56 7.87 -11.07
N ARG A 334 12.21 8.54 -12.16
CA ARG A 334 12.12 10.00 -12.10
C ARG A 334 11.05 10.45 -11.11
N SER A 335 9.88 9.82 -11.16
CA SER A 335 8.76 10.25 -10.31
C SER A 335 9.01 9.86 -8.86
N VAL A 336 9.61 8.70 -8.66
CA VAL A 336 9.93 8.28 -7.30
C VAL A 336 10.95 9.19 -6.63
N GLU A 337 12.00 9.58 -7.37
CA GLU A 337 13.01 10.53 -6.88
CA GLU A 337 12.99 10.49 -6.80
C GLU A 337 12.34 11.83 -6.43
N ILE A 338 11.43 12.31 -7.26
CA ILE A 338 10.70 13.55 -6.94
C ILE A 338 9.93 13.38 -5.62
N LYS A 339 9.29 12.23 -5.46
CA LYS A 339 8.53 12.01 -4.24
C LYS A 339 9.46 11.86 -3.02
N MET A 340 10.60 11.20 -3.19
CA MET A 340 11.55 11.07 -2.08
C MET A 340 12.00 12.46 -1.61
N ASN A 341 12.32 13.33 -2.55
CA ASN A 341 12.76 14.68 -2.18
C ASN A 341 11.64 15.46 -1.50
N TRP A 342 10.42 15.21 -1.92
CA TRP A 342 9.28 15.91 -1.35
C TRP A 342 9.00 15.42 0.08
N ILE A 343 9.18 14.11 0.31
CA ILE A 343 9.01 13.56 1.65
C ILE A 343 9.97 14.25 2.64
N LYS A 344 11.22 14.40 2.23
CA LYS A 344 12.23 15.02 3.08
C LYS A 344 11.90 16.50 3.29
N GLU A 345 11.51 17.18 2.22
CA GLU A 345 11.07 18.58 2.30
C GLU A 345 9.94 18.77 3.31
N LYS A 346 9.00 17.82 3.37
CA LYS A 346 7.86 17.95 4.27
C LYS A 346 8.18 17.49 5.69
N GLY A 347 9.20 16.65 5.84
CA GLY A 347 9.56 16.13 7.15
C GLY A 347 8.78 14.90 7.61
N TYR A 348 8.20 14.16 6.67
CA TYR A 348 7.44 12.96 7.03
C TYR A 348 8.35 11.83 7.52
N LEU A 349 7.75 10.83 8.16
CA LEU A 349 8.49 9.74 8.79
C LEU A 349 9.22 8.82 7.80
N GLY A 350 8.71 8.71 6.59
CA GLY A 350 9.43 7.91 5.59
C GLY A 350 8.59 7.52 4.40
N ALA A 351 9.00 6.44 3.74
CA ALA A 351 8.35 5.97 2.51
C ALA A 351 7.89 4.52 2.70
N MET A 352 6.81 4.17 2.00
CA MET A 352 6.26 2.82 2.03
C MET A 352 6.05 2.38 0.58
N THR A 353 6.16 1.08 0.31
CA THR A 353 5.84 0.62 -1.04
C THR A 353 4.81 -0.48 -1.04
N TRP A 354 3.84 -0.36 -1.94
CA TRP A 354 3.03 -1.51 -2.31
C TRP A 354 3.44 -1.86 -3.74
N ALA A 355 4.14 -2.97 -3.98
CA ALA A 355 4.69 -3.85 -2.97
C ALA A 355 6.05 -4.32 -3.50
N ILE A 356 6.90 -4.83 -2.62
CA ILE A 356 8.30 -5.08 -2.95
C ILE A 356 8.43 -6.15 -4.05
N ASP A 357 7.45 -7.05 -4.12
CA ASP A 357 7.42 -8.12 -5.12
C ASP A 357 7.14 -7.67 -6.57
N MET A 358 6.94 -6.37 -6.77
CA MET A 358 6.61 -5.84 -8.11
C MET A 358 7.67 -4.85 -8.59
N ASP A 359 8.73 -4.66 -7.80
CA ASP A 359 9.90 -3.91 -8.26
C ASP A 359 10.53 -4.73 -9.38
N ASP A 360 11.45 -4.16 -10.14
CA ASP A 360 12.18 -4.98 -11.13
C ASP A 360 13.27 -5.78 -10.42
N PHE A 361 12.84 -6.76 -9.62
CA PHE A 361 13.77 -7.50 -8.77
C PHE A 361 14.70 -8.42 -9.57
N GLN A 362 14.31 -8.78 -10.79
CA GLN A 362 15.16 -9.61 -11.65
C GLN A 362 16.13 -8.79 -12.49
N GLY A 363 15.96 -7.48 -12.50
CA GLY A 363 16.73 -6.64 -13.40
C GLY A 363 16.43 -6.92 -14.87
N LEU A 364 15.16 -7.11 -15.18
CA LEU A 364 14.77 -7.36 -16.56
C LEU A 364 15.00 -6.13 -17.44
N CYS A 365 15.00 -4.95 -16.81
CA CYS A 365 15.02 -3.68 -17.53
C CYS A 365 16.32 -2.91 -17.31
N GLY A 366 17.20 -3.46 -16.49
CA GLY A 366 18.34 -2.71 -15.99
C GLY A 366 18.66 -3.08 -14.55
N GLU A 367 18.95 -2.08 -13.72
CA GLU A 367 19.34 -2.34 -12.33
C GLU A 367 18.26 -3.16 -11.59
N LYS A 368 18.69 -4.24 -10.95
CA LYS A 368 17.79 -5.01 -10.07
C LYS A 368 17.31 -4.13 -8.92
N ASN A 369 16.04 -4.27 -8.57
CA ASN A 369 15.47 -3.54 -7.43
C ASN A 369 15.64 -2.03 -7.51
N ILE A 370 15.51 -1.50 -8.72
CA ILE A 370 15.77 -0.09 -8.96
C ILE A 370 14.91 0.87 -8.13
N LEU A 371 13.64 0.53 -7.92
CA LEU A 371 12.77 1.47 -7.19
C LEU A 371 13.03 1.44 -5.68
N ILE A 372 13.19 0.26 -5.10
CA ILE A 372 13.40 0.22 -3.66
C ILE A 372 14.78 0.79 -3.31
N LYS A 373 15.72 0.66 -4.23
CA LYS A 373 17.04 1.28 -4.03
C LYS A 373 16.92 2.80 -3.92
N LEU A 374 15.96 3.39 -4.63
CA LEU A 374 15.71 4.83 -4.53
C LEU A 374 15.16 5.22 -3.17
N LEU A 375 14.20 4.45 -2.68
CA LEU A 375 13.63 4.70 -1.36
C LEU A 375 14.75 4.55 -0.32
N HIS A 376 15.52 3.48 -0.42
CA HIS A 376 16.57 3.24 0.56
C HIS A 376 17.64 4.34 0.51
N LYS A 377 18.05 4.73 -0.69
CA LYS A 377 19.08 5.75 -0.85
C LYS A 377 18.66 7.05 -0.19
N HIS A 378 17.42 7.50 -0.46
CA HIS A 378 16.99 8.78 0.10
C HIS A 378 16.68 8.74 1.57
N MET A 379 16.03 7.67 2.03
CA MET A 379 15.62 7.64 3.42
C MET A 379 16.77 7.35 4.37
N SER A 380 17.73 6.55 3.95
CA SER A 380 18.79 6.15 4.88
C SER A 380 19.73 7.33 5.19
N ALA A 381 19.68 8.36 4.35
CA ALA A 381 20.52 9.56 4.54
C ALA A 381 19.73 10.72 5.12
N TYR A 382 18.51 10.44 5.60
CA TYR A 382 17.59 11.50 5.98
C TYR A 382 17.26 11.42 7.47
N THR A 383 17.28 12.58 8.13
CA THR A 383 16.93 12.68 9.54
C THR A 383 15.53 13.27 9.65
N VAL A 384 14.61 12.53 10.28
CA VAL A 384 13.24 13.01 10.43
C VAL A 384 13.22 14.12 11.49
N PRO A 385 12.71 15.31 11.13
CA PRO A 385 12.69 16.41 12.10
C PRO A 385 11.57 16.24 13.14
N PRO A 386 11.63 17.00 14.26
CA PRO A 386 10.53 17.00 15.23
C PRO A 386 9.22 17.45 14.58
N PRO A 387 8.06 17.05 15.14
CA PRO A 387 6.74 17.42 14.61
C PRO A 387 6.63 18.92 14.34
N ARG A 388 5.96 19.31 13.26
CA ARG A 388 5.93 20.72 12.87
C ARG A 388 4.84 21.53 13.61
#